data_6PDU
#
_entry.id   6PDU
#
_cell.length_a   69.032
_cell.length_b   74.203
_cell.length_c   93.914
_cell.angle_alpha   90.000
_cell.angle_beta   90.000
_cell.angle_gamma   90.000
#
_symmetry.space_group_name_H-M   'P 21 21 21'
#
loop_
_entity.id
_entity.type
_entity.pdbx_description
1 polymer 'antibody 13N024-a.01, light chain'
2 polymer 'antibody 13N024-a.01, heavy chain'
3 polymer 'HIV-1 fusion peptide residue 512-519'
4 water water
#
loop_
_entity_poly.entity_id
_entity_poly.type
_entity_poly.pdbx_seq_one_letter_code
_entity_poly.pdbx_strand_id
1 'polypeptide(L)'
;DVVMTQSPLSLPITPGQPASISCRSSQGLVHWDGNTYLSWYQQKPGQPPRPLIYQVSNRYSGVPDRFSGSGSGTDFTLKI
SRVEAEDVGVYYCGQGAHVPPTFGGGTKVEIKRTVAAPSVFIFPPSDEQLKSGTASVVCLLNNFYPREAKVQWKVDNALQ
SGNSQESVTEQDSKDSTYSLSSTLTLSKADYEKHKVYACEVTHQGLSSPVTKSFNRGEC
;
L
2 'polypeptide(L)'
;QVQLVESGGGLVKPGGSQRLSCVVSGLTLSTSDIHWVRQAPGKGLEWVSVISTNGVATYYAESVKGRFTISRDIAKNSFF
LQMNSLRVEDTAVYYCTDFDFWGQGALVTVSSASTKGPSVFPLAPSSKSTSGGTAALGCLVKDYFPEPVTVSWNSGALTS
GVHTFPAVLQSSGLYSLSSVVTVPSSSLGTQTYICNVNHKPSNTKVDKKVEPKSCD
;
H
3 'polypeptide(L)' AVGIGAVF C
#
# COMPACT_ATOMS: atom_id res chain seq x y z
N ASP A 1 29.25 -0.86 -6.34
CA ASP A 1 27.89 -0.47 -6.71
C ASP A 1 27.72 1.03 -6.71
N VAL A 2 26.92 1.53 -7.64
CA VAL A 2 26.67 2.97 -7.74
C VAL A 2 25.72 3.38 -6.63
N VAL A 3 26.16 4.30 -5.79
CA VAL A 3 25.33 4.86 -4.73
C VAL A 3 24.50 5.98 -5.32
N MET A 4 23.18 5.92 -5.14
CA MET A 4 22.27 6.94 -5.61
C MET A 4 21.70 7.67 -4.40
N THR A 5 21.98 8.96 -4.31
CA THR A 5 21.59 9.79 -3.16
C THR A 5 20.51 10.77 -3.62
N GLN A 6 19.34 10.67 -3.00
CA GLN A 6 18.18 11.47 -3.36
C GLN A 6 17.93 12.52 -2.29
N SER A 7 17.47 13.69 -2.73
CA SER A 7 17.23 14.79 -1.81
C SER A 7 16.10 15.67 -2.33
N PRO A 8 15.12 16.06 -1.50
CA PRO A 8 14.95 15.79 -0.08
C PRO A 8 14.24 14.46 0.16
N LEU A 9 14.17 14.02 1.41
CA LEU A 9 13.45 12.80 1.71
C LEU A 9 11.95 13.03 1.74
N SER A 10 11.53 14.22 2.15
CA SER A 10 10.13 14.62 2.25
C SER A 10 9.94 15.95 1.53
N LEU A 11 8.86 16.07 0.77
CA LEU A 11 8.61 17.26 -0.03
C LEU A 11 7.12 17.61 0.02
N PRO A 12 6.68 18.32 1.06
CA PRO A 12 5.31 18.84 1.09
C PRO A 12 5.17 20.06 0.20
N ILE A 13 4.05 20.13 -0.53
CA ILE A 13 3.94 21.11 -1.60
C ILE A 13 2.46 21.34 -1.90
N THR A 14 2.12 22.62 -2.11
CA THR A 14 0.77 23.02 -2.50
C THR A 14 0.58 22.86 -4.01
N PRO A 15 -0.55 22.31 -4.46
CA PRO A 15 -0.78 22.21 -5.90
C PRO A 15 -0.67 23.56 -6.58
N GLY A 16 -0.11 23.56 -7.79
CA GLY A 16 0.18 24.77 -8.52
C GLY A 16 1.59 25.28 -8.33
N GLN A 17 2.28 24.80 -7.32
CA GLN A 17 3.64 25.22 -7.00
C GLN A 17 4.65 24.23 -7.58
N PRO A 18 5.88 24.67 -7.85
CA PRO A 18 6.88 23.77 -8.44
C PRO A 18 7.59 22.94 -7.38
N ALA A 19 8.11 21.80 -7.84
CA ALA A 19 8.89 20.90 -7.00
C ALA A 19 10.14 20.46 -7.75
N SER A 20 11.21 20.25 -7.01
CA SER A 20 12.49 19.84 -7.59
C SER A 20 13.13 18.78 -6.70
N ILE A 21 13.51 17.65 -7.31
CA ILE A 21 14.11 16.53 -6.59
C ILE A 21 15.49 16.29 -7.19
N SER A 22 16.50 16.18 -6.31
CA SER A 22 17.88 16.00 -6.70
C SER A 22 18.26 14.53 -6.57
N CYS A 23 19.04 14.04 -7.53
CA CYS A 23 19.61 12.70 -7.50
C CYS A 23 21.08 12.80 -7.88
N ARG A 24 21.94 12.27 -7.05
CA ARG A 24 23.37 12.33 -7.27
C ARG A 24 23.93 10.92 -7.24
N SER A 25 24.68 10.56 -8.28
CA SER A 25 25.29 9.25 -8.39
C SER A 25 26.75 9.32 -7.98
N SER A 26 27.27 8.20 -7.46
CA SER A 26 28.67 8.16 -7.06
C SER A 26 29.61 7.91 -8.23
N GLN A 27 29.08 7.57 -9.41
CA GLN A 27 29.87 7.38 -10.61
C GLN A 27 29.11 7.94 -11.80
N GLY A 28 29.82 8.11 -12.91
CA GLY A 28 29.16 8.41 -14.16
C GLY A 28 28.26 7.27 -14.60
N LEU A 29 27.26 7.60 -15.41
CA LEU A 29 26.23 6.63 -15.78
C LEU A 29 26.15 6.43 -17.29
N VAL A 30 27.29 6.46 -17.97
CA VAL A 30 27.33 6.23 -19.40
C VAL A 30 27.64 4.76 -19.65
N HIS A 31 26.75 4.09 -20.38
CA HIS A 31 26.85 2.69 -20.72
C HIS A 31 27.76 2.49 -21.94
N TRP A 32 28.20 1.24 -22.15
CA TRP A 32 29.00 0.91 -23.33
C TRP A 32 28.32 1.31 -24.63
N ASP A 33 26.99 1.32 -24.65
CA ASP A 33 26.29 1.67 -25.89
C ASP A 33 26.24 3.18 -26.10
N GLY A 34 26.80 3.98 -25.20
CA GLY A 34 26.86 5.41 -25.36
C GLY A 34 25.76 6.20 -24.67
N ASN A 35 24.70 5.54 -24.21
CA ASN A 35 23.60 6.22 -23.55
C ASN A 35 23.86 6.42 -22.06
N THR A 36 23.19 7.44 -21.50
CA THR A 36 23.21 7.72 -20.08
C THR A 36 21.89 7.23 -19.49
N TYR A 37 21.96 6.21 -18.63
CA TYR A 37 20.75 5.55 -18.15
C TYR A 37 20.45 6.06 -16.74
N LEU A 38 19.77 7.19 -16.67
CA LEU A 38 19.20 7.69 -15.44
C LEU A 38 17.70 7.81 -15.62
N SER A 39 16.94 7.12 -14.76
CA SER A 39 15.49 7.09 -14.84
C SER A 39 14.86 7.66 -13.58
N TRP A 40 13.62 8.13 -13.74
CA TRP A 40 12.77 8.56 -12.64
C TRP A 40 11.46 7.81 -12.67
N TYR A 41 10.98 7.42 -11.48
CA TYR A 41 9.79 6.63 -11.26
C TYR A 41 8.87 7.29 -10.23
N GLN A 42 7.57 7.11 -10.44
CA GLN A 42 6.54 7.49 -9.49
C GLN A 42 5.87 6.23 -8.97
N GLN A 43 5.64 6.16 -7.66
CA GLN A 43 5.01 4.99 -7.06
C GLN A 43 3.94 5.44 -6.08
N LYS A 44 2.74 4.97 -6.31
CA LYS A 44 1.57 5.12 -5.48
C LYS A 44 1.35 3.87 -4.65
N PRO A 45 0.69 4.00 -3.49
CA PRO A 45 0.59 2.87 -2.57
C PRO A 45 -0.06 1.65 -3.20
N GLY A 46 0.59 0.50 -3.02
CA GLY A 46 0.06 -0.75 -3.56
C GLY A 46 0.21 -0.92 -5.06
N GLN A 47 0.98 -0.05 -5.72
CA GLN A 47 1.21 -0.15 -7.15
C GLN A 47 2.69 -0.36 -7.41
N PRO A 48 3.04 -0.95 -8.56
CA PRO A 48 4.45 -0.99 -8.96
C PRO A 48 4.93 0.40 -9.32
N PRO A 49 6.25 0.62 -9.36
CA PRO A 49 6.78 1.89 -9.84
C PRO A 49 6.29 2.22 -11.25
N ARG A 50 5.92 3.48 -11.47
CA ARG A 50 5.54 3.95 -12.80
C ARG A 50 6.72 4.69 -13.40
N PRO A 51 7.34 4.19 -14.47
CA PRO A 51 8.46 4.93 -15.06
C PRO A 51 7.99 6.25 -15.65
N LEU A 52 8.63 7.33 -15.25
CA LEU A 52 8.32 8.67 -15.73
C LEU A 52 9.34 9.18 -16.74
N ILE A 53 10.61 8.98 -16.46
CA ILE A 53 11.68 9.54 -17.28
C ILE A 53 12.70 8.43 -17.54
N TYR A 54 13.19 8.34 -18.78
CA TYR A 54 14.32 7.47 -19.10
C TYR A 54 15.43 8.30 -19.75
N GLN A 55 16.65 7.80 -19.63
CA GLN A 55 17.85 8.44 -20.17
C GLN A 55 17.86 9.95 -19.90
N VAL A 56 17.75 10.28 -18.61
CA VAL A 56 17.98 11.61 -18.05
C VAL A 56 16.77 12.53 -18.26
N SER A 57 16.32 12.67 -19.50
CA SER A 57 15.40 13.75 -19.84
C SER A 57 14.22 13.33 -20.71
N ASN A 58 14.07 12.06 -21.06
CA ASN A 58 13.03 11.63 -21.98
C ASN A 58 11.83 11.10 -21.20
N ARG A 59 10.64 11.66 -21.48
CA ARG A 59 9.43 11.18 -20.85
C ARG A 59 8.95 9.89 -21.52
N TYR A 60 8.55 8.92 -20.71
CA TYR A 60 7.81 7.78 -21.23
C TYR A 60 6.46 8.26 -21.77
N SER A 61 5.88 7.47 -22.68
CA SER A 61 4.66 7.91 -23.34
C SER A 61 3.55 8.18 -22.33
N GLY A 62 2.77 9.23 -22.59
CA GLY A 62 1.64 9.56 -21.75
C GLY A 62 1.98 10.28 -20.46
N VAL A 63 3.25 10.42 -20.13
CA VAL A 63 3.61 11.15 -18.91
C VAL A 63 3.41 12.65 -19.15
N PRO A 64 2.71 13.36 -18.27
CA PRO A 64 2.42 14.78 -18.53
C PRO A 64 3.68 15.61 -18.64
N ASP A 65 3.61 16.68 -19.44
CA ASP A 65 4.81 17.46 -19.65
C ASP A 65 5.18 18.34 -18.46
N ARG A 66 4.38 18.33 -17.37
CA ARG A 66 4.83 19.02 -16.17
C ARG A 66 6.01 18.32 -15.51
N PHE A 67 6.25 17.05 -15.84
CA PHE A 67 7.45 16.35 -15.39
C PHE A 67 8.58 16.55 -16.38
N SER A 68 9.76 16.92 -15.89
CA SER A 68 10.92 17.06 -16.76
C SER A 68 12.16 16.61 -16.01
N GLY A 69 13.08 16.01 -16.75
CA GLY A 69 14.35 15.56 -16.19
C GLY A 69 15.51 16.31 -16.82
N SER A 70 16.53 16.59 -16.02
CA SER A 70 17.73 17.23 -16.53
C SER A 70 18.93 16.74 -15.75
N GLY A 71 20.11 17.15 -16.19
CA GLY A 71 21.36 16.88 -15.50
C GLY A 71 22.36 16.17 -16.38
N SER A 72 23.52 15.90 -15.78
CA SER A 72 24.60 15.22 -16.48
C SER A 72 25.65 14.81 -15.46
N GLY A 73 26.58 13.98 -15.93
CA GLY A 73 27.69 13.53 -15.11
C GLY A 73 27.21 12.71 -13.94
N THR A 74 27.18 13.31 -12.76
CA THR A 74 26.71 12.64 -11.55
C THR A 74 25.57 13.41 -10.88
N ASP A 75 25.00 14.40 -11.54
CA ASP A 75 24.08 15.34 -10.90
C ASP A 75 22.83 15.49 -11.75
N PHE A 76 21.67 15.14 -11.19
CA PHE A 76 20.44 15.03 -11.97
C PHE A 76 19.28 15.60 -11.18
N THR A 77 18.24 16.03 -11.90
CA THR A 77 17.12 16.71 -11.27
C THR A 77 15.82 16.34 -11.97
N LEU A 78 14.82 15.98 -11.18
CA LEU A 78 13.44 15.85 -11.63
C LEU A 78 12.68 17.09 -11.19
N LYS A 79 12.02 17.77 -12.13
CA LYS A 79 11.21 18.92 -11.80
C LYS A 79 9.76 18.65 -12.18
N ILE A 80 8.85 19.07 -11.29
CA ILE A 80 7.42 19.14 -11.57
C ILE A 80 7.09 20.62 -11.62
N SER A 81 6.76 21.11 -12.81
CA SER A 81 6.63 22.55 -13.01
C SER A 81 5.52 23.12 -12.13
N ARG A 82 4.41 22.41 -12.03
CA ARG A 82 3.33 22.80 -11.12
C ARG A 82 2.69 21.49 -10.66
N VAL A 83 2.77 21.23 -9.36
CA VAL A 83 2.29 19.98 -8.80
C VAL A 83 0.76 19.94 -8.86
N GLU A 84 0.22 18.74 -9.11
CA GLU A 84 -1.20 18.49 -9.02
C GLU A 84 -1.45 17.52 -7.87
N ALA A 85 -2.68 17.56 -7.35
CA ALA A 85 -3.01 16.70 -6.22
C ALA A 85 -2.76 15.23 -6.53
N GLU A 86 -2.93 14.82 -7.79
CA GLU A 86 -2.70 13.43 -8.17
C GLU A 86 -1.23 13.03 -8.17
N ASP A 87 -0.31 13.97 -7.97
CA ASP A 87 1.11 13.64 -7.95
C ASP A 87 1.59 13.09 -6.62
N VAL A 88 0.71 13.00 -5.61
CA VAL A 88 1.11 12.50 -4.32
C VAL A 88 1.70 11.10 -4.46
N GLY A 89 2.77 10.82 -3.71
CA GLY A 89 3.38 9.51 -3.78
C GLY A 89 4.88 9.59 -3.59
N VAL A 90 5.57 8.48 -3.85
CA VAL A 90 7.02 8.40 -3.63
C VAL A 90 7.71 8.36 -4.98
N TYR A 91 8.75 9.18 -5.13
CA TYR A 91 9.49 9.27 -6.38
C TYR A 91 10.89 8.71 -6.18
N TYR A 92 11.38 7.96 -7.17
CA TYR A 92 12.69 7.32 -7.10
C TYR A 92 13.50 7.65 -8.34
N CYS A 93 14.79 7.89 -8.16
CA CYS A 93 15.70 7.83 -9.30
C CYS A 93 16.36 6.46 -9.33
N GLY A 94 16.90 6.11 -10.49
CA GLY A 94 17.61 4.86 -10.63
C GLY A 94 18.56 4.92 -11.80
N GLN A 95 19.64 4.15 -11.72
CA GLN A 95 20.63 4.09 -12.78
C GLN A 95 20.61 2.72 -13.43
N GLY A 96 20.76 2.69 -14.74
CA GLY A 96 20.77 1.43 -15.47
C GLY A 96 21.98 1.28 -16.36
N ALA A 97 23.10 1.89 -15.94
CA ALA A 97 24.34 1.82 -16.71
C ALA A 97 25.30 0.77 -16.20
N HIS A 98 25.23 0.44 -14.92
CA HIS A 98 26.18 -0.48 -14.28
C HIS A 98 25.41 -1.52 -13.47
N VAL A 99 25.87 -2.76 -13.55
CA VAL A 99 25.33 -3.83 -12.71
C VAL A 99 26.02 -3.76 -11.34
N PRO A 100 25.28 -3.84 -10.22
CA PRO A 100 23.82 -3.93 -10.13
C PRO A 100 23.11 -2.61 -10.37
N PRO A 101 21.98 -2.66 -11.06
CA PRO A 101 21.09 -1.49 -11.08
C PRO A 101 20.76 -1.07 -9.66
N THR A 102 20.83 0.23 -9.40
CA THR A 102 20.60 0.76 -8.08
C THR A 102 19.62 1.93 -8.15
N PHE A 103 18.98 2.21 -7.02
CA PHE A 103 17.94 3.21 -6.92
C PHE A 103 18.26 4.16 -5.77
N GLY A 104 17.80 5.39 -5.91
CA GLY A 104 17.79 6.31 -4.79
C GLY A 104 16.82 5.84 -3.70
N GLY A 105 16.89 6.50 -2.56
CA GLY A 105 16.07 6.12 -1.43
C GLY A 105 14.65 6.60 -1.45
N GLY A 106 14.27 7.39 -2.43
CA GLY A 106 12.89 7.82 -2.50
C GLY A 106 12.69 9.20 -1.90
N THR A 107 11.74 9.94 -2.47
CA THR A 107 11.30 11.24 -1.98
C THR A 107 9.79 11.17 -1.87
N LYS A 108 9.26 11.39 -0.67
CA LYS A 108 7.81 11.33 -0.47
C LYS A 108 7.22 12.71 -0.73
N VAL A 109 6.46 12.83 -1.81
CA VAL A 109 5.76 14.06 -2.15
C VAL A 109 4.40 14.04 -1.48
N GLU A 110 4.19 14.99 -0.57
CA GLU A 110 2.97 15.17 0.20
C GLU A 110 2.30 16.47 -0.23
N ILE A 111 0.98 16.45 -0.36
CA ILE A 111 0.23 17.58 -0.88
C ILE A 111 -0.33 18.40 0.28
N LYS A 112 -0.09 19.71 0.24
CA LYS A 112 -0.67 20.63 1.21
C LYS A 112 -2.03 21.12 0.74
N ARG A 113 -2.96 21.23 1.67
CA ARG A 113 -4.30 21.71 1.36
C ARG A 113 -4.83 22.46 2.59
N THR A 114 -6.03 23.01 2.45
CA THR A 114 -6.63 23.72 3.57
C THR A 114 -7.00 22.72 4.68
N VAL A 115 -7.03 23.24 5.91
CA VAL A 115 -7.40 22.41 7.05
C VAL A 115 -8.82 21.87 6.85
N ALA A 116 -9.00 20.60 7.19
CA ALA A 116 -10.30 19.94 7.06
C ALA A 116 -10.51 19.09 8.31
N ALA A 117 -11.55 19.40 9.07
CA ALA A 117 -11.82 18.65 10.29
C ALA A 117 -12.37 17.27 9.94
N PRO A 118 -12.04 16.25 10.72
CA PRO A 118 -12.58 14.91 10.46
C PRO A 118 -14.06 14.85 10.76
N SER A 119 -14.75 14.00 10.00
CA SER A 119 -16.05 13.52 10.44
C SER A 119 -15.83 12.27 11.28
N VAL A 120 -16.53 12.16 12.39
CA VAL A 120 -16.26 11.11 13.37
C VAL A 120 -17.47 10.18 13.47
N PHE A 121 -17.21 8.88 13.45
CA PHE A 121 -18.24 7.85 13.52
C PHE A 121 -17.77 6.77 14.47
N ILE A 122 -18.71 6.10 15.16
CA ILE A 122 -18.34 5.03 16.07
C ILE A 122 -19.23 3.81 15.83
N PHE A 123 -18.65 2.63 15.96
CA PHE A 123 -19.28 1.35 15.66
C PHE A 123 -19.12 0.43 16.85
N PRO A 124 -20.20 0.00 17.49
CA PRO A 124 -20.12 -1.02 18.54
C PRO A 124 -19.67 -2.34 17.95
N PRO A 125 -19.26 -3.30 18.79
CA PRO A 125 -19.02 -4.65 18.29
C PRO A 125 -20.30 -5.24 17.71
N SER A 126 -20.14 -6.04 16.67
CA SER A 126 -21.27 -6.72 16.07
C SER A 126 -21.73 -7.86 16.98
N ASP A 127 -23.00 -8.25 16.81
CA ASP A 127 -23.50 -9.40 17.56
C ASP A 127 -22.72 -10.67 17.20
N GLU A 128 -22.35 -10.83 15.94
CA GLU A 128 -21.60 -12.02 15.52
C GLU A 128 -20.25 -12.09 16.22
N GLN A 129 -19.52 -10.97 16.27
CA GLN A 129 -18.24 -10.98 16.98
C GLN A 129 -18.44 -11.28 18.46
N LEU A 130 -19.49 -10.71 19.06
CA LEU A 130 -19.75 -10.97 20.48
C LEU A 130 -20.02 -12.45 20.72
N LYS A 131 -20.79 -13.09 19.82
CA LYS A 131 -20.92 -14.54 19.86
C LYS A 131 -19.55 -15.21 19.80
N SER A 132 -18.61 -14.61 19.05
CA SER A 132 -17.29 -15.23 18.90
C SER A 132 -16.47 -15.19 20.18
N GLY A 133 -16.68 -14.19 21.04
CA GLY A 133 -15.99 -14.13 22.32
C GLY A 133 -15.12 -12.92 22.56
N THR A 134 -14.98 -11.99 21.61
CA THR A 134 -14.23 -10.76 21.81
C THR A 134 -15.08 -9.59 21.35
N ALA A 135 -14.64 -8.37 21.68
CA ALA A 135 -15.36 -7.17 21.31
C ALA A 135 -14.40 -6.15 20.74
N SER A 136 -14.69 -5.67 19.53
CA SER A 136 -13.93 -4.62 18.89
C SER A 136 -14.84 -3.41 18.69
N VAL A 137 -14.44 -2.27 19.24
CA VAL A 137 -15.14 -1.00 19.03
C VAL A 137 -14.33 -0.17 18.04
N VAL A 138 -14.97 0.33 16.99
CA VAL A 138 -14.25 1.00 15.92
C VAL A 138 -14.66 2.47 15.87
N CYS A 139 -13.66 3.35 15.87
CA CYS A 139 -13.86 4.77 15.69
C CYS A 139 -13.24 5.18 14.36
N LEU A 140 -14.01 5.90 13.54
CA LEU A 140 -13.56 6.32 12.22
C LEU A 140 -13.48 7.84 12.18
N LEU A 141 -12.32 8.36 11.78
CA LEU A 141 -12.11 9.77 11.50
C LEU A 141 -11.92 9.90 10.00
N ASN A 142 -12.83 10.60 9.33
CA ASN A 142 -12.93 10.56 7.88
C ASN A 142 -12.58 11.91 7.27
N ASN A 143 -11.68 11.86 6.29
CA ASN A 143 -11.37 12.94 5.33
C ASN A 143 -10.92 14.21 6.05
N PHE A 144 -9.78 14.11 6.71
CA PHE A 144 -9.24 15.25 7.44
C PHE A 144 -7.85 15.64 6.94
N TYR A 145 -7.43 16.85 7.30
CA TYR A 145 -6.11 17.37 7.00
C TYR A 145 -5.81 18.47 8.01
N PRO A 146 -4.59 18.53 8.59
CA PRO A 146 -3.41 17.69 8.34
C PRO A 146 -3.50 16.31 8.98
N ARG A 147 -2.43 15.52 8.85
CA ARG A 147 -2.47 14.11 9.24
C ARG A 147 -2.55 13.93 10.76
N GLU A 148 -1.99 14.87 11.53
CA GLU A 148 -1.96 14.74 12.98
C GLU A 148 -3.37 14.79 13.54
N ALA A 149 -3.73 13.75 14.29
CA ALA A 149 -5.00 13.69 15.02
C ALA A 149 -4.78 12.82 16.25
N LYS A 150 -5.53 13.12 17.30
CA LYS A 150 -5.42 12.38 18.55
C LYS A 150 -6.76 11.75 18.90
N VAL A 151 -6.76 10.44 19.14
CA VAL A 151 -7.95 9.70 19.52
C VAL A 151 -7.75 9.16 20.92
N GLN A 152 -8.73 9.40 21.78
CA GLN A 152 -8.73 8.86 23.14
C GLN A 152 -9.99 8.03 23.35
N TRP A 153 -9.81 6.82 23.87
CA TRP A 153 -10.92 5.95 24.21
C TRP A 153 -11.26 6.13 25.68
N LYS A 154 -12.56 6.22 25.97
CA LYS A 154 -13.04 6.27 27.35
C LYS A 154 -14.11 5.20 27.54
N VAL A 155 -13.98 4.41 28.60
CA VAL A 155 -14.95 3.39 28.97
C VAL A 155 -15.51 3.75 30.34
N ASP A 156 -16.83 3.97 30.40
CA ASP A 156 -17.48 4.50 31.60
C ASP A 156 -16.77 5.75 32.09
N ASN A 157 -16.30 6.56 31.13
CA ASN A 157 -15.60 7.81 31.35
C ASN A 157 -14.23 7.63 31.98
N ALA A 158 -13.65 6.43 31.92
CA ALA A 158 -12.28 6.20 32.37
C ALA A 158 -11.37 6.11 31.14
N LEU A 159 -10.30 6.91 31.14
CA LEU A 159 -9.38 6.94 30.01
C LEU A 159 -8.69 5.59 29.84
N GLN A 160 -8.63 5.12 28.60
CA GLN A 160 -8.04 3.82 28.28
C GLN A 160 -6.60 3.99 27.83
N SER A 161 -5.79 2.96 28.11
CA SER A 161 -4.39 2.93 27.70
C SER A 161 -4.01 1.52 27.29
N GLY A 162 -3.29 1.41 26.17
CA GLY A 162 -2.67 0.16 25.80
C GLY A 162 -3.56 -0.90 25.22
N ASN A 163 -4.82 -0.59 24.92
CA ASN A 163 -5.76 -1.58 24.39
C ASN A 163 -6.40 -1.13 23.09
N SER A 164 -5.74 -0.25 22.34
CA SER A 164 -6.27 0.20 21.07
C SER A 164 -5.13 0.32 20.05
N GLN A 165 -5.52 0.26 18.77
CA GLN A 165 -4.56 0.39 17.68
C GLN A 165 -5.16 1.25 16.58
N GLU A 166 -4.29 1.96 15.87
CA GLU A 166 -4.67 2.95 14.88
C GLU A 166 -4.08 2.61 13.51
N SER A 167 -4.78 3.04 12.47
CA SER A 167 -4.28 2.93 11.11
C SER A 167 -4.71 4.17 10.33
N VAL A 168 -3.81 4.71 9.52
CA VAL A 168 -4.10 5.91 8.73
C VAL A 168 -3.94 5.57 7.25
N THR A 169 -4.91 6.00 6.43
CA THR A 169 -4.76 5.80 4.99
C THR A 169 -3.65 6.71 4.45
N GLU A 170 -3.21 6.39 3.24
CA GLU A 170 -2.36 7.32 2.53
C GLU A 170 -3.20 8.50 2.04
N GLN A 171 -2.52 9.60 1.74
CA GLN A 171 -3.20 10.81 1.31
C GLN A 171 -4.00 10.55 0.04
N ASP A 172 -5.25 11.03 0.02
CA ASP A 172 -6.13 10.78 -1.11
C ASP A 172 -5.66 11.55 -2.35
N SER A 173 -5.74 10.88 -3.51
CA SER A 173 -5.23 11.46 -4.74
C SER A 173 -6.11 12.59 -5.29
N LYS A 174 -7.36 12.69 -4.84
CA LYS A 174 -8.30 13.69 -5.34
C LYS A 174 -8.46 14.87 -4.39
N ASP A 175 -8.75 14.61 -3.11
CA ASP A 175 -8.99 15.68 -2.15
C ASP A 175 -7.86 15.85 -1.13
N SER A 176 -6.80 15.04 -1.22
CA SER A 176 -5.59 15.20 -0.42
C SER A 176 -5.85 15.08 1.07
N THR A 177 -6.91 14.39 1.48
CA THR A 177 -7.20 14.18 2.89
C THR A 177 -6.71 12.81 3.36
N TYR A 178 -6.69 12.64 4.68
CA TYR A 178 -6.42 11.38 5.34
C TYR A 178 -7.67 10.87 6.04
N SER A 179 -7.67 9.58 6.32
CA SER A 179 -8.66 8.97 7.19
C SER A 179 -7.95 8.03 8.15
N LEU A 180 -8.58 7.82 9.31
CA LEU A 180 -7.97 7.09 10.41
C LEU A 180 -9.00 6.15 11.02
N SER A 181 -8.57 4.94 11.32
CA SER A 181 -9.37 3.95 12.00
C SER A 181 -8.70 3.63 13.33
N SER A 182 -9.46 3.66 14.42
CA SER A 182 -8.96 3.26 15.72
C SER A 182 -9.85 2.15 16.26
N THR A 183 -9.23 1.06 16.71
CA THR A 183 -9.96 -0.06 17.25
C THR A 183 -9.58 -0.29 18.71
N LEU A 184 -10.58 -0.31 19.58
CA LEU A 184 -10.44 -0.69 20.97
C LEU A 184 -10.86 -2.14 21.12
N THR A 185 -10.00 -2.96 21.72
CA THR A 185 -10.23 -4.40 21.81
C THR A 185 -10.38 -4.81 23.26
N LEU A 186 -11.52 -5.40 23.59
CA LEU A 186 -11.78 -5.92 24.93
C LEU A 186 -12.23 -7.36 24.84
N SER A 187 -12.03 -8.09 25.94
CA SER A 187 -12.72 -9.35 26.10
C SER A 187 -14.22 -9.09 26.16
N LYS A 188 -15.01 -10.08 25.74
CA LYS A 188 -16.46 -9.90 25.80
C LYS A 188 -16.92 -9.68 27.22
N ALA A 189 -16.30 -10.36 28.19
CA ALA A 189 -16.69 -10.18 29.59
C ALA A 189 -16.44 -8.74 30.05
N ASP A 190 -15.24 -8.22 29.78
CA ASP A 190 -14.95 -6.83 30.09
C ASP A 190 -15.92 -5.89 29.39
N TYR A 191 -16.25 -6.19 28.13
CA TYR A 191 -17.18 -5.34 27.38
C TYR A 191 -18.55 -5.31 28.06
N GLU A 192 -19.03 -6.46 28.51
CA GLU A 192 -20.33 -6.52 29.17
C GLU A 192 -20.28 -5.91 30.56
N LYS A 193 -19.10 -5.75 31.14
CA LYS A 193 -19.00 -5.14 32.47
C LYS A 193 -19.26 -3.64 32.47
N HIS A 194 -19.27 -2.99 31.31
CA HIS A 194 -19.33 -1.53 31.26
C HIS A 194 -20.44 -1.08 30.32
N LYS A 195 -20.77 0.20 30.42
CA LYS A 195 -21.91 0.76 29.71
C LYS A 195 -21.53 1.73 28.59
N VAL A 196 -20.76 2.77 28.90
CA VAL A 196 -20.52 3.87 27.97
C VAL A 196 -19.18 3.67 27.27
N TYR A 197 -19.18 3.79 25.96
CA TYR A 197 -17.99 3.66 25.14
C TYR A 197 -17.86 4.91 24.27
N ALA A 198 -16.72 5.59 24.39
CA ALA A 198 -16.58 6.90 23.78
C ALA A 198 -15.23 7.03 23.08
N CYS A 199 -15.26 7.68 21.91
CA CYS A 199 -14.09 8.03 21.13
C CYS A 199 -14.02 9.56 21.07
N GLU A 200 -12.97 10.14 21.64
CA GLU A 200 -12.81 11.58 21.69
C GLU A 200 -11.66 11.99 20.78
N VAL A 201 -11.92 12.91 19.86
CA VAL A 201 -11.01 13.25 18.78
C VAL A 201 -10.59 14.71 18.93
N THR A 202 -9.29 14.95 18.87
CA THR A 202 -8.75 16.30 18.78
C THR A 202 -7.98 16.43 17.47
N HIS A 203 -8.12 17.58 16.84
CA HIS A 203 -7.56 17.85 15.51
C HIS A 203 -7.55 19.35 15.28
N GLN A 204 -6.57 19.80 14.49
CA GLN A 204 -6.42 21.23 14.23
C GLN A 204 -7.70 21.85 13.68
N GLY A 205 -8.48 21.09 12.91
CA GLY A 205 -9.70 21.59 12.33
C GLY A 205 -10.88 21.70 13.26
N LEU A 206 -10.76 21.22 14.49
CA LEU A 206 -11.85 21.25 15.46
C LEU A 206 -11.53 22.29 16.55
N SER A 207 -12.42 23.26 16.73
CA SER A 207 -12.22 24.25 17.77
C SER A 207 -12.34 23.66 19.16
N SER A 208 -12.99 22.50 19.30
CA SER A 208 -13.06 21.77 20.56
C SER A 208 -13.14 20.30 20.22
N PRO A 209 -12.68 19.41 21.12
CA PRO A 209 -12.70 17.98 20.81
C PRO A 209 -14.11 17.49 20.52
N VAL A 210 -14.18 16.47 19.66
CA VAL A 210 -15.45 15.87 19.26
C VAL A 210 -15.51 14.46 19.81
N THR A 211 -16.51 14.17 20.62
CA THR A 211 -16.69 12.84 21.20
C THR A 211 -17.92 12.17 20.58
N LYS A 212 -17.73 10.94 20.11
CA LYS A 212 -18.83 10.09 19.67
C LYS A 212 -18.90 8.90 20.60
N SER A 213 -20.10 8.58 21.09
CA SER A 213 -20.21 7.56 22.13
C SER A 213 -21.52 6.81 21.99
N PHE A 214 -21.56 5.63 22.61
CA PHE A 214 -22.79 4.85 22.71
C PHE A 214 -22.85 4.15 24.07
N ASN A 215 -24.06 3.76 24.45
CA ASN A 215 -24.29 2.95 25.65
C ASN A 215 -24.57 1.51 25.22
N ARG A 216 -23.81 0.57 25.78
CA ARG A 216 -24.04 -0.83 25.50
C ARG A 216 -25.44 -1.24 25.97
N GLY A 217 -26.11 -2.06 25.16
CA GLY A 217 -27.47 -2.47 25.45
C GLY A 217 -28.51 -1.39 25.33
N GLU A 218 -28.18 -0.26 24.72
CA GLU A 218 -29.10 0.87 24.62
C GLU A 218 -29.16 1.36 23.18
N CYS A 219 -30.15 2.22 22.94
CA CYS A 219 -30.27 2.92 21.66
C CYS A 219 -29.62 4.29 21.77
N GLN B 1 -0.31 -4.46 -26.33
CA GLN B 1 0.12 -3.92 -25.04
C GLN B 1 1.14 -4.83 -24.38
N VAL B 2 1.85 -4.30 -23.38
CA VAL B 2 2.85 -5.06 -22.62
C VAL B 2 2.24 -5.43 -21.28
N GLN B 3 2.28 -6.72 -20.95
CA GLN B 3 1.95 -7.13 -19.60
C GLN B 3 2.93 -8.17 -19.11
N LEU B 4 3.32 -8.03 -17.85
CA LEU B 4 4.17 -8.99 -17.15
C LEU B 4 3.32 -9.54 -16.01
N VAL B 5 2.84 -10.79 -16.17
CA VAL B 5 1.91 -11.38 -15.21
C VAL B 5 2.70 -12.29 -14.28
N GLU B 6 2.68 -11.96 -12.99
CA GLU B 6 3.43 -12.72 -11.99
C GLU B 6 2.52 -13.66 -11.21
N SER B 7 3.13 -14.71 -10.68
CA SER B 7 2.44 -15.65 -9.79
C SER B 7 3.47 -16.37 -8.95
N GLY B 8 2.99 -17.03 -7.89
CA GLY B 8 3.83 -17.83 -7.03
C GLY B 8 4.13 -17.26 -5.65
N GLY B 9 3.55 -16.09 -5.31
CA GLY B 9 3.81 -15.51 -4.00
C GLY B 9 3.05 -16.20 -2.88
N GLY B 10 3.50 -15.97 -1.65
CA GLY B 10 2.83 -16.57 -0.51
C GLY B 10 3.74 -16.65 0.70
N LEU B 11 3.26 -17.41 1.69
CA LEU B 11 3.94 -17.61 2.97
C LEU B 11 4.89 -18.79 2.89
N VAL B 12 6.09 -18.63 3.45
CA VAL B 12 7.12 -19.66 3.52
C VAL B 12 7.76 -19.65 4.89
N LYS B 13 8.13 -20.82 5.38
CA LYS B 13 8.96 -20.89 6.57
C LYS B 13 10.39 -20.47 6.23
N PRO B 14 11.13 -19.93 7.20
CA PRO B 14 12.57 -19.72 7.00
C PRO B 14 13.23 -21.02 6.58
N GLY B 15 14.12 -20.93 5.58
CA GLY B 15 14.75 -22.09 5.00
C GLY B 15 13.97 -22.74 3.88
N GLY B 16 12.72 -22.36 3.66
CA GLY B 16 11.91 -22.92 2.61
C GLY B 16 12.20 -22.32 1.24
N SER B 17 11.41 -22.74 0.26
CA SER B 17 11.57 -22.35 -1.13
C SER B 17 10.28 -21.79 -1.69
N GLN B 18 10.41 -20.83 -2.60
CA GLN B 18 9.30 -20.35 -3.44
C GLN B 18 9.78 -20.22 -4.87
N ARG B 19 8.86 -20.42 -5.81
CA ARG B 19 9.15 -20.18 -7.22
C ARG B 19 8.19 -19.10 -7.71
N LEU B 20 8.74 -17.99 -8.17
CA LEU B 20 7.94 -16.96 -8.82
C LEU B 20 8.02 -17.15 -10.33
N SER B 21 6.90 -16.91 -11.01
CA SER B 21 6.86 -16.94 -12.46
C SER B 21 6.35 -15.60 -12.97
N CYS B 22 6.76 -15.29 -14.21
CA CYS B 22 6.43 -14.05 -14.88
C CYS B 22 6.20 -14.38 -16.36
N VAL B 23 4.98 -14.20 -16.83
CA VAL B 23 4.61 -14.46 -18.21
C VAL B 23 4.52 -13.12 -18.93
N VAL B 24 5.32 -12.96 -19.98
CA VAL B 24 5.47 -11.69 -20.67
C VAL B 24 4.70 -11.75 -21.98
N SER B 25 3.84 -10.76 -22.21
CA SER B 25 3.14 -10.64 -23.48
C SER B 25 3.27 -9.22 -24.00
N GLY B 26 3.47 -9.10 -25.32
CA GLY B 26 3.56 -7.80 -25.96
C GLY B 26 4.91 -7.15 -25.94
N LEU B 27 5.93 -7.81 -25.40
CA LEU B 27 7.27 -7.25 -25.29
C LEU B 27 8.24 -8.07 -26.13
N THR B 28 9.02 -7.40 -26.97
CA THR B 28 10.01 -8.07 -27.81
C THR B 28 11.14 -8.57 -26.92
N LEU B 29 11.16 -9.87 -26.65
CA LEU B 29 12.10 -10.43 -25.69
C LEU B 29 13.51 -10.57 -26.22
N SER B 30 13.73 -10.31 -27.51
CA SER B 30 15.08 -10.34 -28.04
C SER B 30 15.86 -9.07 -27.73
N THR B 31 15.20 -8.00 -27.30
CA THR B 31 15.89 -6.73 -27.08
C THR B 31 15.67 -6.15 -25.69
N SER B 32 15.12 -6.91 -24.74
CA SER B 32 15.00 -6.47 -23.36
C SER B 32 15.41 -7.60 -22.43
N ASP B 33 16.48 -7.39 -21.67
CA ASP B 33 16.78 -8.26 -20.54
C ASP B 33 15.62 -8.25 -19.56
N ILE B 34 15.48 -9.34 -18.79
CA ILE B 34 14.41 -9.44 -17.80
C ILE B 34 15.04 -9.46 -16.41
N HIS B 35 14.55 -8.59 -15.53
CA HIS B 35 15.08 -8.42 -14.18
C HIS B 35 14.01 -8.74 -13.15
N TRP B 36 14.48 -9.05 -11.94
CA TRP B 36 13.66 -9.12 -10.75
C TRP B 36 14.17 -8.06 -9.78
N VAL B 37 13.22 -7.27 -9.25
CA VAL B 37 13.49 -6.17 -8.32
C VAL B 37 12.48 -6.29 -7.18
N ARG B 38 12.94 -6.19 -5.94
CA ARG B 38 12.05 -6.38 -4.81
C ARG B 38 11.95 -5.11 -3.96
N GLN B 39 10.91 -5.08 -3.13
CA GLN B 39 10.64 -3.95 -2.25
C GLN B 39 10.05 -4.48 -0.94
N ALA B 40 10.82 -4.37 0.14
CA ALA B 40 10.34 -4.77 1.45
C ALA B 40 9.27 -3.78 1.91
N PRO B 41 8.33 -4.22 2.75
CA PRO B 41 7.24 -3.32 3.18
C PRO B 41 7.80 -2.04 3.79
N GLY B 42 7.35 -0.91 3.27
CA GLY B 42 7.77 0.38 3.75
C GLY B 42 9.15 0.84 3.34
N LYS B 43 9.84 0.09 2.49
CA LYS B 43 11.21 0.41 2.11
C LYS B 43 11.29 0.76 0.62
N GLY B 44 12.52 0.92 0.12
CA GLY B 44 12.76 1.26 -1.25
C GLY B 44 12.94 0.04 -2.14
N LEU B 45 13.47 0.29 -3.34
CA LEU B 45 13.65 -0.73 -4.37
C LEU B 45 15.05 -1.31 -4.33
N GLU B 46 15.14 -2.63 -4.45
CA GLU B 46 16.43 -3.32 -4.47
C GLU B 46 16.43 -4.34 -5.61
N TRP B 47 17.35 -4.17 -6.54
CA TRP B 47 17.50 -5.10 -7.65
C TRP B 47 17.93 -6.47 -7.15
N VAL B 48 17.35 -7.52 -7.73
CA VAL B 48 17.57 -8.88 -7.30
C VAL B 48 18.36 -9.68 -8.32
N SER B 49 17.93 -9.68 -9.58
CA SER B 49 18.56 -10.58 -10.55
C SER B 49 18.25 -10.13 -11.96
N VAL B 50 19.04 -10.64 -12.91
CA VAL B 50 18.82 -10.37 -14.33
C VAL B 50 19.18 -11.59 -15.16
N ILE B 51 18.44 -11.79 -16.26
CA ILE B 51 18.80 -12.72 -17.32
C ILE B 51 18.82 -11.97 -18.65
N SER B 52 19.90 -12.20 -19.41
CA SER B 52 20.15 -11.51 -20.67
C SER B 52 19.19 -11.98 -21.77
N THR B 53 19.06 -11.14 -22.80
CA THR B 53 18.30 -11.52 -23.98
C THR B 53 18.83 -12.81 -24.60
N ASN B 54 20.12 -13.08 -24.45
CA ASN B 54 20.71 -14.27 -25.05
C ASN B 54 20.45 -15.53 -24.24
N GLY B 55 19.82 -15.42 -23.07
CA GLY B 55 19.41 -16.57 -22.30
C GLY B 55 20.50 -17.27 -21.53
N VAL B 56 21.71 -16.73 -21.51
CA VAL B 56 22.86 -17.36 -20.87
C VAL B 56 23.41 -16.52 -19.72
N ALA B 57 23.67 -15.25 -19.98
CA ALA B 57 24.20 -14.38 -18.93
C ALA B 57 23.16 -14.11 -17.85
N THR B 58 23.54 -14.36 -16.60
CA THR B 58 22.71 -14.05 -15.45
C THR B 58 23.55 -13.36 -14.39
N TYR B 59 22.90 -12.51 -13.60
CA TYR B 59 23.58 -11.88 -12.47
C TYR B 59 22.62 -11.75 -11.29
N TYR B 60 23.20 -11.61 -10.09
CA TYR B 60 22.45 -11.63 -8.84
C TYR B 60 22.98 -10.59 -7.86
N ALA B 61 22.07 -10.08 -7.04
CA ALA B 61 22.48 -9.24 -5.92
C ALA B 61 23.27 -10.07 -4.92
N GLU B 62 24.27 -9.45 -4.30
CA GLU B 62 25.13 -10.16 -3.34
C GLU B 62 24.30 -10.84 -2.27
N SER B 63 23.22 -10.20 -1.80
CA SER B 63 22.43 -10.71 -0.70
C SER B 63 21.66 -11.98 -1.04
N VAL B 64 21.55 -12.36 -2.31
CA VAL B 64 20.82 -13.56 -2.70
C VAL B 64 21.68 -14.55 -3.46
N LYS B 65 22.95 -14.25 -3.70
CA LYS B 65 23.82 -15.16 -4.45
C LYS B 65 23.90 -16.50 -3.74
N GLY B 66 23.85 -17.58 -4.52
CA GLY B 66 23.85 -18.92 -3.99
C GLY B 66 22.51 -19.42 -3.52
N ARG B 67 21.53 -18.54 -3.33
CA ARG B 67 20.20 -18.93 -2.88
C ARG B 67 19.13 -18.78 -3.95
N PHE B 68 19.21 -17.74 -4.78
CA PHE B 68 18.22 -17.52 -5.83
C PHE B 68 18.82 -17.90 -7.18
N THR B 69 17.96 -18.40 -8.07
CA THR B 69 18.35 -18.70 -9.44
C THR B 69 17.28 -18.19 -10.39
N ILE B 70 17.68 -17.38 -11.35
CA ILE B 70 16.77 -16.89 -12.37
C ILE B 70 16.88 -17.82 -13.57
N SER B 71 15.76 -18.01 -14.26
CA SER B 71 15.76 -18.85 -15.46
C SER B 71 14.62 -18.39 -16.38
N ARG B 72 14.48 -19.08 -17.50
CA ARG B 72 13.45 -18.73 -18.48
C ARG B 72 13.06 -19.95 -19.30
N ASP B 73 11.84 -19.90 -19.83
CA ASP B 73 11.37 -20.78 -20.90
C ASP B 73 10.90 -19.83 -21.99
N ILE B 74 11.80 -19.56 -22.94
CA ILE B 74 11.54 -18.55 -23.96
C ILE B 74 10.38 -18.98 -24.85
N ALA B 75 10.19 -20.29 -25.04
CA ALA B 75 9.08 -20.77 -25.87
C ALA B 75 7.73 -20.36 -25.30
N LYS B 76 7.61 -20.32 -23.97
CA LYS B 76 6.40 -19.85 -23.33
C LYS B 76 6.53 -18.41 -22.84
N ASN B 77 7.58 -17.70 -23.27
CA ASN B 77 7.80 -16.30 -22.88
C ASN B 77 7.72 -16.14 -21.36
N SER B 78 8.29 -17.11 -20.65
CA SER B 78 8.15 -17.16 -19.21
C SER B 78 9.50 -17.03 -18.54
N PHE B 79 9.50 -16.37 -17.38
CA PHE B 79 10.71 -16.14 -16.61
C PHE B 79 10.45 -16.52 -15.17
N PHE B 80 11.47 -17.02 -14.50
CA PHE B 80 11.28 -17.63 -13.20
C PHE B 80 12.37 -17.17 -12.24
N LEU B 81 11.98 -17.03 -10.98
CA LEU B 81 12.92 -16.80 -9.88
C LEU B 81 12.71 -17.90 -8.87
N GLN B 82 13.67 -18.81 -8.78
CA GLN B 82 13.66 -19.88 -7.79
C GLN B 82 14.38 -19.37 -6.55
N MET B 83 13.65 -19.28 -5.44
CA MET B 83 14.14 -18.68 -4.21
C MET B 83 14.27 -19.78 -3.16
N ASN B 84 15.49 -20.18 -2.86
CA ASN B 84 15.77 -21.22 -1.89
C ASN B 84 16.34 -20.60 -0.62
N SER B 85 16.32 -21.39 0.46
CA SER B 85 16.93 -21.01 1.73
C SER B 85 16.48 -19.61 2.16
N LEU B 86 15.16 -19.39 2.10
CA LEU B 86 14.62 -18.06 2.29
C LEU B 86 14.82 -17.60 3.73
N ARG B 87 14.96 -16.28 3.90
CA ARG B 87 15.18 -15.66 5.19
C ARG B 87 14.10 -14.59 5.42
N VAL B 88 13.83 -14.29 6.69
CA VAL B 88 12.82 -13.30 7.02
C VAL B 88 13.11 -11.98 6.30
N GLU B 89 14.39 -11.62 6.17
CA GLU B 89 14.76 -10.39 5.47
C GLU B 89 14.51 -10.47 3.96
N ASP B 90 14.13 -11.63 3.43
CA ASP B 90 13.73 -11.70 2.03
C ASP B 90 12.27 -11.33 1.82
N THR B 91 11.52 -11.08 2.90
CA THR B 91 10.11 -10.72 2.78
C THR B 91 9.97 -9.43 1.98
N ALA B 92 9.16 -9.46 0.93
CA ALA B 92 9.09 -8.30 0.05
C ALA B 92 8.06 -8.57 -1.04
N VAL B 93 7.63 -7.49 -1.70
CA VAL B 93 6.96 -7.62 -2.99
C VAL B 93 8.02 -7.72 -4.07
N TYR B 94 7.93 -8.76 -4.90
CA TYR B 94 8.89 -9.00 -5.97
C TYR B 94 8.25 -8.65 -7.31
N TYR B 95 8.96 -7.85 -8.11
CA TYR B 95 8.50 -7.40 -9.41
C TYR B 95 9.39 -8.01 -10.48
N CYS B 96 8.77 -8.56 -11.52
CA CYS B 96 9.53 -8.81 -12.75
C CYS B 96 9.37 -7.57 -13.61
N THR B 97 10.45 -7.17 -14.26
CA THR B 97 10.45 -5.89 -14.96
C THR B 97 11.54 -5.89 -16.02
N ASP B 98 11.33 -5.11 -17.07
CA ASP B 98 12.43 -4.77 -17.96
C ASP B 98 12.82 -3.30 -17.80
N PHE B 99 12.37 -2.69 -16.70
CA PHE B 99 12.60 -1.31 -16.27
C PHE B 99 11.69 -0.34 -17.01
N ASP B 100 11.39 -0.60 -18.29
CA ASP B 100 10.34 0.17 -18.95
C ASP B 100 8.95 -0.27 -18.47
N PHE B 101 8.77 -1.56 -18.22
CA PHE B 101 7.48 -2.11 -17.84
C PHE B 101 7.65 -2.97 -16.61
N TRP B 102 6.66 -2.93 -15.73
CA TRP B 102 6.75 -3.58 -14.43
C TRP B 102 5.54 -4.47 -14.21
N GLY B 103 5.78 -5.66 -13.68
CA GLY B 103 4.69 -6.54 -13.30
C GLY B 103 3.94 -5.99 -12.09
N GLN B 104 2.81 -6.64 -11.78
CA GLN B 104 1.99 -6.17 -10.68
C GLN B 104 2.62 -6.45 -9.32
N GLY B 105 3.56 -7.37 -9.25
CA GLY B 105 4.22 -7.68 -8.00
C GLY B 105 3.64 -8.92 -7.34
N ALA B 106 4.49 -9.63 -6.60
CA ALA B 106 4.07 -10.83 -5.87
C ALA B 106 4.68 -10.78 -4.47
N LEU B 107 3.83 -10.81 -3.46
CA LEU B 107 4.30 -10.71 -2.08
C LEU B 107 4.81 -12.08 -1.60
N VAL B 108 6.06 -12.12 -1.15
CA VAL B 108 6.64 -13.30 -0.53
C VAL B 108 6.88 -12.96 0.93
N THR B 109 6.23 -13.70 1.83
CA THR B 109 6.34 -13.51 3.27
C THR B 109 7.09 -14.70 3.86
N VAL B 110 8.20 -14.42 4.53
CA VAL B 110 9.00 -15.46 5.18
C VAL B 110 8.81 -15.27 6.68
N SER B 111 8.17 -16.25 7.33
CA SER B 111 7.84 -16.13 8.74
C SER B 111 7.73 -17.51 9.37
N SER B 112 8.00 -17.58 10.66
CA SER B 112 7.75 -18.81 11.40
C SER B 112 6.27 -19.00 11.75
N ALA B 113 5.44 -17.97 11.57
CA ALA B 113 4.03 -18.07 11.92
C ALA B 113 3.25 -18.85 10.86
N SER B 114 2.05 -19.27 11.23
CA SER B 114 1.20 -20.11 10.39
C SER B 114 0.08 -19.30 9.76
N THR B 115 -0.45 -19.84 8.66
CA THR B 115 -1.57 -19.21 7.98
C THR B 115 -2.83 -19.26 8.86
N LYS B 116 -3.59 -18.17 8.84
CA LYS B 116 -4.86 -18.09 9.57
C LYS B 116 -5.82 -17.21 8.78
N GLY B 117 -7.00 -17.74 8.47
CA GLY B 117 -8.00 -16.98 7.76
C GLY B 117 -8.73 -16.01 8.67
N PRO B 118 -9.25 -14.93 8.09
CA PRO B 118 -9.89 -13.90 8.91
C PRO B 118 -11.35 -14.21 9.22
N SER B 119 -11.82 -13.60 10.31
CA SER B 119 -13.26 -13.42 10.53
C SER B 119 -13.66 -12.08 9.94
N VAL B 120 -14.86 -12.01 9.38
CA VAL B 120 -15.36 -10.77 8.77
C VAL B 120 -16.64 -10.37 9.47
N PHE B 121 -16.65 -9.18 10.07
CA PHE B 121 -17.78 -8.68 10.83
C PHE B 121 -18.32 -7.40 10.22
N PRO B 122 -19.63 -7.18 10.26
CA PRO B 122 -20.16 -5.93 9.72
C PRO B 122 -19.96 -4.77 10.68
N LEU B 123 -19.76 -3.58 10.10
CA LEU B 123 -19.77 -2.31 10.81
C LEU B 123 -21.03 -1.61 10.33
N ALA B 124 -22.14 -1.86 11.03
CA ALA B 124 -23.45 -1.47 10.53
C ALA B 124 -23.64 0.03 10.70
N PRO B 125 -24.24 0.70 9.71
CA PRO B 125 -24.59 2.11 9.88
C PRO B 125 -25.70 2.25 10.91
N SER B 126 -25.49 3.15 11.87
CA SER B 126 -26.45 3.40 12.94
C SER B 126 -26.48 4.91 13.19
N SER B 127 -27.26 5.31 14.21
CA SER B 127 -27.27 6.73 14.57
C SER B 127 -25.88 7.23 14.93
N LYS B 128 -25.09 6.39 15.60
CA LYS B 128 -23.76 6.82 16.03
C LYS B 128 -22.73 6.77 14.91
N SER B 129 -23.09 6.23 13.75
CA SER B 129 -22.27 6.32 12.54
C SER B 129 -22.95 7.18 11.48
N THR B 130 -23.70 8.19 11.92
CA THR B 130 -24.31 9.17 11.04
C THR B 130 -23.76 10.55 11.37
N SER B 131 -23.50 11.35 10.33
CA SER B 131 -23.08 12.73 10.47
C SER B 131 -23.80 13.53 9.39
N GLY B 132 -24.76 14.36 9.79
CA GLY B 132 -25.53 15.10 8.80
C GLY B 132 -26.35 14.15 7.95
N GLY B 133 -26.28 14.34 6.64
CA GLY B 133 -27.00 13.49 5.72
C GLY B 133 -26.19 12.33 5.19
N THR B 134 -25.07 12.00 5.83
CA THR B 134 -24.23 10.89 5.39
C THR B 134 -24.02 9.90 6.53
N ALA B 135 -23.91 8.63 6.16
CA ALA B 135 -23.69 7.54 7.08
C ALA B 135 -22.43 6.80 6.68
N ALA B 136 -21.75 6.24 7.68
CA ALA B 136 -20.60 5.39 7.45
C ALA B 136 -20.96 3.95 7.77
N LEU B 137 -20.44 3.04 6.97
CA LEU B 137 -20.60 1.61 7.22
C LEU B 137 -19.32 0.93 6.77
N GLY B 138 -19.17 -0.35 7.10
CA GLY B 138 -17.94 -1.01 6.73
C GLY B 138 -17.92 -2.46 7.10
N CYS B 139 -16.71 -3.03 7.02
CA CYS B 139 -16.43 -4.39 7.44
C CYS B 139 -15.12 -4.44 8.19
N LEU B 140 -15.10 -5.22 9.27
CA LEU B 140 -13.91 -5.48 10.06
C LEU B 140 -13.38 -6.87 9.70
N VAL B 141 -12.15 -6.93 9.20
CA VAL B 141 -11.49 -8.16 8.78
C VAL B 141 -10.43 -8.45 9.84
N LYS B 142 -10.71 -9.40 10.73
CA LYS B 142 -9.96 -9.55 11.97
C LYS B 142 -9.25 -10.90 12.02
N ASP B 143 -8.03 -10.88 12.61
CA ASP B 143 -7.29 -12.06 13.01
C ASP B 143 -6.88 -12.95 11.84
N TYR B 144 -6.01 -12.45 10.95
CA TYR B 144 -5.54 -13.24 9.82
C TYR B 144 -4.03 -13.14 9.70
N PHE B 145 -3.46 -14.05 8.91
CA PHE B 145 -2.05 -14.09 8.59
C PHE B 145 -1.82 -15.05 7.42
N PRO B 146 -0.96 -14.71 6.46
CA PRO B 146 -0.20 -13.45 6.40
C PRO B 146 -0.99 -12.39 5.64
N GLU B 147 -0.37 -11.23 5.40
CA GLU B 147 -0.89 -10.32 4.40
C GLU B 147 -0.84 -11.00 3.03
N PRO B 148 -1.66 -10.53 2.07
CA PRO B 148 -2.65 -9.45 2.11
C PRO B 148 -4.09 -9.94 2.07
N VAL B 149 -5.02 -9.07 2.42
CA VAL B 149 -6.42 -9.26 2.08
C VAL B 149 -6.82 -8.14 1.13
N THR B 150 -7.76 -8.44 0.26
CA THR B 150 -8.36 -7.41 -0.59
C THR B 150 -9.82 -7.25 -0.19
N VAL B 151 -10.30 -6.01 -0.29
CA VAL B 151 -11.70 -5.67 -0.01
C VAL B 151 -12.21 -4.84 -1.16
N SER B 152 -13.36 -5.23 -1.71
CA SER B 152 -14.10 -4.37 -2.62
C SER B 152 -15.51 -4.21 -2.08
N TRP B 153 -16.27 -3.30 -2.68
CA TRP B 153 -17.64 -3.07 -2.28
C TRP B 153 -18.54 -3.23 -3.49
N ASN B 154 -19.60 -4.01 -3.33
CA ASN B 154 -20.57 -4.26 -4.39
C ASN B 154 -19.85 -4.75 -5.66
N SER B 155 -18.95 -5.71 -5.46
CA SER B 155 -18.19 -6.35 -6.53
C SER B 155 -17.36 -5.35 -7.33
N GLY B 156 -16.95 -4.25 -6.69
CA GLY B 156 -16.19 -3.21 -7.35
C GLY B 156 -17.03 -2.10 -7.95
N ALA B 157 -18.36 -2.25 -7.96
CA ALA B 157 -19.21 -1.18 -8.46
C ALA B 157 -19.21 0.05 -7.57
N LEU B 158 -18.85 -0.10 -6.29
CA LEU B 158 -18.84 1.01 -5.35
C LEU B 158 -17.40 1.33 -4.99
N THR B 159 -16.92 2.51 -5.39
CA THR B 159 -15.55 2.91 -5.12
C THR B 159 -15.48 4.28 -4.47
N SER B 160 -16.43 5.15 -4.82
CA SER B 160 -16.43 6.50 -4.27
C SER B 160 -16.65 6.47 -2.76
N GLY B 161 -15.76 7.14 -2.03
CA GLY B 161 -15.87 7.21 -0.59
C GLY B 161 -15.40 5.99 0.17
N VAL B 162 -14.79 5.02 -0.51
CA VAL B 162 -14.25 3.84 0.17
C VAL B 162 -12.89 4.15 0.73
N HIS B 163 -12.64 3.71 1.97
CA HIS B 163 -11.31 3.74 2.58
C HIS B 163 -11.03 2.36 3.15
N THR B 164 -10.04 1.67 2.60
CA THR B 164 -9.59 0.40 3.14
C THR B 164 -8.27 0.64 3.84
N PHE B 165 -8.25 0.46 5.16
CA PHE B 165 -7.12 0.91 5.95
C PHE B 165 -5.98 -0.11 5.91
N PRO B 166 -4.74 0.37 6.04
CA PRO B 166 -3.61 -0.56 6.22
C PRO B 166 -3.85 -1.45 7.43
N ALA B 167 -3.50 -2.72 7.29
CA ALA B 167 -3.65 -3.65 8.41
C ALA B 167 -2.73 -3.26 9.56
N VAL B 168 -3.18 -3.54 10.79
CA VAL B 168 -2.35 -3.41 11.97
C VAL B 168 -2.00 -4.81 12.47
N LEU B 169 -0.75 -4.98 12.90
CA LEU B 169 -0.30 -6.22 13.48
C LEU B 169 -0.67 -6.21 14.96
N GLN B 170 -1.57 -7.09 15.38
CA GLN B 170 -1.98 -7.14 16.77
C GLN B 170 -0.93 -7.86 17.62
N SER B 171 -1.05 -7.72 18.93
CA SER B 171 -0.11 -8.39 19.84
C SER B 171 -0.15 -9.90 19.68
N SER B 172 -1.29 -10.44 19.24
CA SER B 172 -1.40 -11.87 18.98
C SER B 172 -0.51 -12.34 17.83
N GLY B 173 0.07 -11.42 17.06
CA GLY B 173 0.77 -11.78 15.85
C GLY B 173 -0.09 -11.90 14.62
N LEU B 174 -1.38 -11.58 14.73
CA LEU B 174 -2.32 -11.63 13.62
C LEU B 174 -2.72 -10.23 13.20
N TYR B 175 -3.05 -10.09 11.92
CA TYR B 175 -3.43 -8.80 11.36
C TYR B 175 -4.92 -8.54 11.54
N SER B 176 -5.28 -7.27 11.51
CA SER B 176 -6.68 -6.87 11.46
C SER B 176 -6.76 -5.56 10.69
N LEU B 177 -7.79 -5.42 9.87
CA LEU B 177 -8.01 -4.18 9.15
C LEU B 177 -9.49 -3.90 9.06
N SER B 178 -9.83 -2.69 8.68
CA SER B 178 -11.20 -2.31 8.42
C SER B 178 -11.29 -1.70 7.04
N SER B 179 -12.44 -1.85 6.41
CA SER B 179 -12.76 -1.11 5.19
C SER B 179 -14.09 -0.42 5.42
N VAL B 180 -14.15 0.87 5.12
CA VAL B 180 -15.36 1.65 5.35
C VAL B 180 -15.76 2.38 4.08
N VAL B 181 -17.01 2.82 4.06
CA VAL B 181 -17.52 3.69 3.01
C VAL B 181 -18.53 4.65 3.62
N THR B 182 -18.53 5.88 3.14
CA THR B 182 -19.57 6.84 3.49
C THR B 182 -20.54 6.99 2.33
N VAL B 183 -21.83 7.02 2.65
CA VAL B 183 -22.90 7.04 1.66
C VAL B 183 -23.96 8.02 2.12
N PRO B 184 -24.82 8.47 1.21
CA PRO B 184 -25.99 9.25 1.64
C PRO B 184 -26.85 8.42 2.56
N SER B 185 -27.22 9.00 3.72
CA SER B 185 -28.06 8.26 4.64
C SER B 185 -29.42 7.97 4.05
N SER B 186 -29.87 8.75 3.06
CA SER B 186 -31.15 8.47 2.42
C SER B 186 -31.09 7.21 1.54
N SER B 187 -29.90 6.68 1.27
CA SER B 187 -29.77 5.46 0.49
C SER B 187 -29.88 4.19 1.33
N LEU B 188 -29.69 4.29 2.64
CA LEU B 188 -29.85 3.13 3.49
C LEU B 188 -31.29 2.62 3.43
N GLY B 189 -31.43 1.32 3.17
CA GLY B 189 -32.75 0.73 3.05
C GLY B 189 -33.20 0.44 1.63
N THR B 190 -32.64 1.15 0.64
CA THR B 190 -32.86 0.81 -0.76
C THR B 190 -31.60 0.38 -1.49
N GLN B 191 -30.43 0.90 -1.13
CA GLN B 191 -29.18 0.47 -1.72
C GLN B 191 -28.56 -0.61 -0.85
N THR B 192 -28.26 -1.76 -1.46
CA THR B 192 -27.60 -2.84 -0.77
C THR B 192 -26.08 -2.64 -0.80
N TYR B 193 -25.43 -2.87 0.34
CA TYR B 193 -24.00 -2.70 0.49
C TYR B 193 -23.37 -4.01 0.96
N ILE B 194 -22.46 -4.53 0.14
CA ILE B 194 -21.80 -5.81 0.40
C ILE B 194 -20.30 -5.61 0.29
N CYS B 195 -19.56 -6.05 1.31
CA CYS B 195 -18.11 -6.03 1.25
C CYS B 195 -17.61 -7.40 0.83
N ASN B 196 -16.75 -7.41 -0.20
CA ASN B 196 -16.17 -8.63 -0.76
C ASN B 196 -14.73 -8.73 -0.27
N VAL B 197 -14.48 -9.66 0.63
CA VAL B 197 -13.19 -9.85 1.29
C VAL B 197 -12.56 -11.11 0.75
N ASN B 198 -11.28 -11.02 0.38
CA ASN B 198 -10.53 -12.17 -0.08
C ASN B 198 -9.19 -12.25 0.65
N HIS B 199 -8.91 -13.40 1.24
CA HIS B 199 -7.62 -13.76 1.82
C HIS B 199 -7.19 -15.04 1.11
N LYS B 200 -6.44 -14.86 0.02
CA LYS B 200 -6.00 -15.99 -0.79
C LYS B 200 -5.12 -16.98 -0.04
N PRO B 201 -4.17 -16.56 0.81
CA PRO B 201 -3.35 -17.56 1.52
C PRO B 201 -4.12 -18.61 2.29
N SER B 202 -5.33 -18.29 2.76
CA SER B 202 -6.12 -19.23 3.54
C SER B 202 -7.35 -19.74 2.79
N ASN B 203 -7.49 -19.39 1.51
CA ASN B 203 -8.66 -19.80 0.72
C ASN B 203 -9.94 -19.24 1.34
N THR B 204 -9.90 -17.98 1.77
CA THR B 204 -11.06 -17.36 2.39
C THR B 204 -11.64 -16.32 1.44
N LYS B 205 -12.91 -16.50 1.08
CA LYS B 205 -13.64 -15.48 0.32
C LYS B 205 -15.00 -15.29 0.98
N VAL B 206 -15.28 -14.07 1.42
CA VAL B 206 -16.49 -13.74 2.17
C VAL B 206 -17.17 -12.56 1.49
N ASP B 207 -18.47 -12.66 1.29
CA ASP B 207 -19.29 -11.54 0.83
C ASP B 207 -20.27 -11.23 1.95
N LYS B 208 -20.07 -10.11 2.63
CA LYS B 208 -20.84 -9.77 3.82
C LYS B 208 -21.76 -8.59 3.51
N LYS B 209 -23.07 -8.83 3.61
CA LYS B 209 -24.06 -7.76 3.49
C LYS B 209 -24.08 -6.97 4.78
N VAL B 210 -23.97 -5.65 4.67
CA VAL B 210 -23.91 -4.76 5.82
C VAL B 210 -25.23 -4.01 5.88
N GLU B 211 -26.04 -4.35 6.86
CA GLU B 211 -27.40 -3.84 6.90
C GLU B 211 -27.56 -2.76 7.95
N PRO B 212 -28.36 -1.74 7.70
CA PRO B 212 -28.51 -0.65 8.67
C PRO B 212 -29.28 -1.11 9.90
N LYS B 213 -29.02 -0.45 11.02
CA LYS B 213 -29.64 -0.80 12.29
C LYS B 213 -30.12 0.47 12.98
N SER B 214 -31.40 0.49 13.34
CA SER B 214 -31.90 1.59 14.16
C SER B 214 -31.33 1.54 15.57
N CYS B 215 -30.99 0.34 16.05
CA CYS B 215 -30.41 0.14 17.37
C CYS B 215 -29.53 -1.10 17.33
N ASP B 216 -28.39 -1.03 18.02
CA ASP B 216 -27.52 -2.20 18.17
C ASP B 216 -27.36 -2.60 19.63
N ALA C 1 15.07 -2.45 -24.03
CA ALA C 1 14.50 -1.44 -23.15
C ALA C 1 15.20 -0.11 -23.36
N VAL C 2 14.47 0.99 -23.17
CA VAL C 2 15.08 2.31 -23.27
C VAL C 2 15.57 2.84 -21.93
N GLY C 3 15.09 2.27 -20.82
CA GLY C 3 15.48 2.77 -19.52
C GLY C 3 16.75 2.18 -18.94
N ILE C 4 17.25 1.09 -19.50
CA ILE C 4 18.42 0.40 -18.95
C ILE C 4 19.20 -0.22 -20.10
N GLY C 5 20.53 -0.30 -19.93
CA GLY C 5 21.37 -0.89 -20.94
C GLY C 5 21.51 -2.40 -20.79
N ALA C 6 21.89 -3.05 -21.88
CA ALA C 6 22.04 -4.49 -21.88
C ALA C 6 23.14 -4.93 -20.93
N VAL C 7 22.97 -6.12 -20.36
CA VAL C 7 23.99 -6.73 -19.50
C VAL C 7 24.75 -7.76 -20.32
N PHE C 8 25.99 -8.03 -19.90
CA PHE C 8 26.84 -8.99 -20.56
C PHE C 8 27.47 -9.96 -19.56
#